data_1W5R
#
_entry.id   1W5R
#
_cell.length_a   98.884
_cell.length_b   98.884
_cell.length_c   130.815
_cell.angle_alpha   90.00
_cell.angle_beta   90.00
_cell.angle_gamma   90.00
#
_symmetry.space_group_name_H-M   'P 41 21 2'
#
loop_
_entity.id
_entity.type
_entity.pdbx_description
1 polymer 'ARYLAMINE N-ACETYLTRANSFERASE'
2 water water
#
_entity_poly.entity_id   1
_entity_poly.type   'polypeptide(L)'
_entity_poly.pdbx_seq_one_letter_code
;ESHMAMDLGGYLTRIGLDGRPRPDLGTLHAIVAAHNRSIPFENLDPLLGIPVADLSAEALFAKLVDRRRGGYQYEHNGLL
GYVLEELGFEVERLSGRVVWMRADDAPLPAQTHNVLSVAVPGADGRYLVDVGFGGQTLTSPIRLEAGPVQQTRHEPYRLT
RHGDDHTLAAQVRGEWQPLYTFTTEPRPRIDLEVGSWYVSTHPGSHFVTGLTVAVVTDDARYNLRGRNLAVHRSGATEHI
RFDSAAQVLDAIVNRFGIDLGDLAGRDVQARVAEVLDT
;
_entity_poly.pdbx_strand_id   A,B
#
# COMPACT_ATOMS: atom_id res chain seq x y z
N MET A 6 1.35 -40.39 -10.46
CA MET A 6 2.15 -39.38 -9.70
C MET A 6 1.46 -39.03 -8.38
N ASP A 7 2.04 -38.09 -7.64
CA ASP A 7 1.42 -37.60 -6.41
C ASP A 7 0.50 -36.43 -6.72
N LEU A 8 -0.62 -36.72 -7.38
CA LEU A 8 -1.60 -35.67 -7.66
C LEU A 8 -2.31 -35.22 -6.40
N GLY A 9 -2.54 -36.17 -5.46
CA GLY A 9 -3.12 -35.84 -4.16
C GLY A 9 -2.34 -34.76 -3.42
N GLY A 10 -1.02 -34.87 -3.46
CA GLY A 10 -0.14 -33.86 -2.88
C GLY A 10 -0.34 -32.52 -3.57
N TYR A 11 -0.36 -32.53 -4.90
CA TYR A 11 -0.56 -31.28 -5.66
C TYR A 11 -1.92 -30.65 -5.39
N LEU A 12 -2.96 -31.48 -5.41
CA LEU A 12 -4.32 -30.99 -5.22
C LEU A 12 -4.51 -30.39 -3.83
N THR A 13 -3.95 -31.03 -2.81
CA THR A 13 -3.93 -30.48 -1.45
C THR A 13 -3.17 -29.14 -1.38
N ARG A 14 -2.00 -29.10 -2.02
CA ARG A 14 -1.19 -27.90 -2.10
C ARG A 14 -1.98 -26.71 -2.63
N ILE A 15 -2.81 -26.96 -3.65
CA ILE A 15 -3.60 -25.87 -4.26
C ILE A 15 -5.02 -25.72 -3.70
N GLY A 16 -5.36 -26.50 -2.69
CA GLY A 16 -6.64 -26.35 -2.00
C GLY A 16 -7.83 -26.98 -2.69
N LEU A 17 -7.56 -28.01 -3.48
CA LEU A 17 -8.61 -28.82 -4.09
C LEU A 17 -8.59 -30.23 -3.49
N ASP A 18 -9.66 -31.00 -3.71
CA ASP A 18 -9.71 -32.39 -3.25
C ASP A 18 -10.37 -33.30 -4.27
N GLY A 19 -10.04 -34.59 -4.21
CA GLY A 19 -10.57 -35.58 -5.14
C GLY A 19 -10.04 -35.40 -6.55
N ARG A 20 -10.25 -36.42 -7.39
CA ARG A 20 -9.82 -36.41 -8.77
C ARG A 20 -10.77 -35.56 -9.62
N PRO A 21 -10.32 -34.38 -10.09
CA PRO A 21 -11.16 -33.63 -11.01
C PRO A 21 -11.11 -34.19 -12.43
N ARG A 22 -12.18 -33.99 -13.20
CA ARG A 22 -12.30 -34.49 -14.56
C ARG A 22 -11.55 -33.57 -15.52
N PRO A 23 -11.02 -34.11 -16.64
CA PRO A 23 -10.38 -33.27 -17.66
C PRO A 23 -11.36 -32.49 -18.56
N ASP A 24 -12.00 -31.49 -17.99
CA ASP A 24 -12.90 -30.63 -18.75
C ASP A 24 -12.53 -29.16 -18.55
N LEU A 25 -13.19 -28.29 -19.29
CA LEU A 25 -12.88 -26.86 -19.25
C LEU A 25 -13.09 -26.23 -17.86
N GLY A 26 -14.18 -26.60 -17.19
CA GLY A 26 -14.44 -26.11 -15.83
C GLY A 26 -13.31 -26.41 -14.86
N THR A 27 -12.77 -27.63 -14.96
CA THR A 27 -11.65 -28.04 -14.12
C THR A 27 -10.40 -27.21 -14.45
N LEU A 28 -10.16 -26.97 -15.73
CA LEU A 28 -9.01 -26.19 -16.15
C LEU A 28 -9.04 -24.80 -15.52
N HIS A 29 -10.20 -24.16 -15.55
CA HIS A 29 -10.37 -22.86 -14.89
C HIS A 29 -10.12 -22.94 -13.37
N ALA A 30 -10.69 -23.96 -12.73
CA ALA A 30 -10.56 -24.09 -11.28
C ALA A 30 -9.11 -24.34 -10.86
N ILE A 31 -8.41 -25.19 -11.60
CA ILE A 31 -7.01 -25.50 -11.28
C ILE A 31 -6.12 -24.28 -11.44
N VAL A 32 -6.27 -23.55 -12.55
CA VAL A 32 -5.45 -22.33 -12.77
C VAL A 32 -5.66 -21.35 -11.61
N ALA A 33 -6.93 -21.12 -11.22
CA ALA A 33 -7.22 -20.19 -10.14
C ALA A 33 -6.63 -20.65 -8.80
N ALA A 34 -6.72 -21.94 -8.52
CA ALA A 34 -6.22 -22.47 -7.27
C ALA A 34 -4.68 -22.43 -7.23
N HIS A 35 -4.07 -22.79 -8.35
CA HIS A 35 -2.61 -22.70 -8.49
C HIS A 35 -2.14 -21.25 -8.29
N ASN A 36 -2.83 -20.31 -8.94
CA ASN A 36 -2.49 -18.89 -8.87
C ASN A 36 -2.38 -18.42 -7.42
N ARG A 37 -3.33 -18.81 -6.58
CA ARG A 37 -3.37 -18.29 -5.22
C ARG A 37 -2.55 -19.08 -4.23
N SER A 38 -2.10 -20.27 -4.61
CA SER A 38 -1.48 -21.21 -3.67
C SER A 38 0.03 -21.39 -3.77
N ILE A 39 0.55 -21.35 -5.00
CA ILE A 39 1.98 -21.59 -5.22
C ILE A 39 2.57 -20.29 -5.78
N PRO A 40 3.43 -19.62 -5.00
CA PRO A 40 3.93 -18.34 -5.48
C PRO A 40 5.02 -18.47 -6.55
N PHE A 41 5.16 -17.43 -7.36
CA PHE A 41 6.36 -17.26 -8.17
C PHE A 41 7.49 -16.86 -7.21
N GLU A 42 8.64 -17.52 -7.34
CA GLU A 42 9.84 -17.05 -6.62
C GLU A 42 11.08 -17.54 -7.33
N ASN A 43 12.16 -16.79 -7.16
CA ASN A 43 13.45 -17.19 -7.73
C ASN A 43 14.54 -17.25 -6.65
N LEU A 44 14.19 -17.69 -5.45
CA LEU A 44 15.20 -17.75 -4.39
C LEU A 44 16.37 -18.67 -4.74
N ASP A 45 16.11 -19.77 -5.48
CA ASP A 45 17.21 -20.66 -5.85
C ASP A 45 18.25 -19.94 -6.72
N PRO A 46 17.86 -19.43 -7.91
CA PRO A 46 18.88 -18.72 -8.73
C PRO A 46 19.50 -17.53 -8.01
N LEU A 47 18.72 -16.83 -7.20
CA LEU A 47 19.26 -15.72 -6.42
C LEU A 47 20.44 -16.17 -5.55
N LEU A 48 20.31 -17.37 -4.99
CA LEU A 48 21.29 -17.92 -4.06
C LEU A 48 22.33 -18.79 -4.77
N GLY A 49 22.34 -18.75 -6.10
CA GLY A 49 23.35 -19.50 -6.88
C GLY A 49 23.01 -20.98 -7.07
N ILE A 50 21.75 -21.34 -6.83
CA ILE A 50 21.28 -22.70 -7.05
C ILE A 50 20.55 -22.74 -8.40
N PRO A 51 21.14 -23.40 -9.42
CA PRO A 51 20.49 -23.49 -10.71
C PRO A 51 19.14 -24.20 -10.65
N VAL A 52 18.29 -23.88 -11.63
CA VAL A 52 17.06 -24.64 -11.88
C VAL A 52 17.32 -25.40 -13.17
N ALA A 53 17.83 -26.61 -13.01
CA ALA A 53 18.40 -27.41 -14.10
C ALA A 53 17.52 -28.58 -14.50
N ASP A 54 16.75 -29.10 -13.55
CA ASP A 54 16.02 -30.36 -13.70
C ASP A 54 14.53 -30.08 -13.71
N LEU A 55 13.89 -30.29 -14.86
CA LEU A 55 12.47 -30.02 -15.01
C LEU A 55 11.62 -31.29 -15.08
N SER A 56 12.17 -32.39 -14.55
CA SER A 56 11.42 -33.64 -14.42
C SER A 56 10.26 -33.48 -13.43
N ALA A 57 9.25 -34.32 -13.56
CA ALA A 57 8.15 -34.31 -12.61
C ALA A 57 8.64 -34.53 -11.17
N GLU A 58 9.57 -35.48 -11.00
CA GLU A 58 10.10 -35.77 -9.67
C GLU A 58 10.67 -34.54 -9.00
N ALA A 59 11.49 -33.80 -9.74
CA ALA A 59 12.13 -32.60 -9.21
C ALA A 59 11.09 -31.52 -8.91
N LEU A 60 10.16 -31.32 -9.83
CA LEU A 60 9.21 -30.20 -9.66
C LEU A 60 8.16 -30.45 -8.57
N PHE A 61 7.66 -31.68 -8.48
CA PHE A 61 6.75 -32.04 -7.38
C PHE A 61 7.48 -31.94 -6.04
N ALA A 62 8.71 -32.43 -5.99
CA ALA A 62 9.47 -32.40 -4.74
C ALA A 62 9.61 -30.97 -4.20
N LYS A 63 9.97 -30.03 -5.08
CA LYS A 63 10.17 -28.66 -4.65
C LYS A 63 8.89 -27.87 -4.42
N LEU A 64 8.02 -27.82 -5.43
CA LEU A 64 6.86 -26.91 -5.36
C LEU A 64 5.70 -27.46 -4.56
N VAL A 65 5.67 -28.78 -4.39
CA VAL A 65 4.61 -29.42 -3.61
C VAL A 65 5.14 -29.84 -2.26
N ASP A 66 6.09 -30.78 -2.23
CA ASP A 66 6.52 -31.40 -0.97
C ASP A 66 7.27 -30.47 -0.04
N ARG A 67 8.05 -29.55 -0.62
CA ARG A 67 8.87 -28.64 0.19
C ARG A 67 8.24 -27.26 0.41
N ARG A 68 7.05 -27.06 -0.16
CA ARG A 68 6.29 -25.82 0.03
C ARG A 68 7.10 -24.57 -0.35
N ARG A 69 7.85 -24.72 -1.43
CA ARG A 69 8.54 -23.64 -2.09
C ARG A 69 7.69 -23.21 -3.27
N GLY A 70 7.97 -22.04 -3.82
CA GLY A 70 7.42 -21.70 -5.13
C GLY A 70 8.48 -22.00 -6.19
N GLY A 71 8.31 -21.40 -7.34
CA GLY A 71 9.31 -21.52 -8.40
C GLY A 71 9.08 -20.47 -9.45
N TYR A 72 9.88 -20.52 -10.51
CA TYR A 72 9.71 -19.56 -11.59
C TYR A 72 9.05 -20.22 -12.81
N GLN A 73 9.09 -19.58 -13.97
CA GLN A 73 8.23 -19.98 -15.10
C GLN A 73 8.33 -21.45 -15.47
N TYR A 74 9.55 -21.96 -15.57
CA TYR A 74 9.74 -23.36 -15.98
C TYR A 74 9.24 -24.37 -14.94
N GLU A 75 9.32 -23.96 -13.68
CA GLU A 75 8.90 -24.83 -12.59
C GLU A 75 7.39 -24.87 -12.50
N HIS A 76 6.76 -23.68 -12.59
CA HIS A 76 5.30 -23.58 -12.54
C HIS A 76 4.60 -24.31 -13.66
N ASN A 77 4.95 -23.94 -14.88
CA ASN A 77 4.28 -24.54 -16.02
C ASN A 77 4.73 -25.96 -16.26
N GLY A 78 5.95 -26.28 -15.86
CA GLY A 78 6.38 -27.67 -15.93
C GLY A 78 5.50 -28.51 -15.04
N LEU A 79 5.37 -28.10 -13.77
CA LEU A 79 4.54 -28.82 -12.83
C LEU A 79 3.10 -28.95 -13.31
N LEU A 80 2.50 -27.84 -13.72
CA LEU A 80 1.10 -27.88 -14.15
C LEU A 80 0.94 -28.74 -15.39
N GLY A 81 1.94 -28.72 -16.26
CA GLY A 81 1.94 -29.58 -17.45
C GLY A 81 1.80 -31.06 -17.10
N TYR A 82 2.58 -31.52 -16.12
CA TYR A 82 2.50 -32.91 -15.67
C TYR A 82 1.16 -33.20 -15.05
N VAL A 83 0.67 -32.28 -14.23
CA VAL A 83 -0.60 -32.45 -13.54
C VAL A 83 -1.74 -32.58 -14.55
N LEU A 84 -1.76 -31.69 -15.54
CA LEU A 84 -2.88 -31.71 -16.51
C LEU A 84 -2.87 -32.96 -17.37
N GLU A 85 -1.68 -33.39 -17.79
CA GLU A 85 -1.49 -34.66 -18.49
C GLU A 85 -2.03 -35.84 -17.70
N GLU A 86 -1.69 -35.88 -16.42
CA GLU A 86 -2.09 -36.99 -15.57
C GLU A 86 -3.61 -37.04 -15.48
N LEU A 87 -4.23 -35.87 -15.42
CA LEU A 87 -5.68 -35.76 -15.30
C LEU A 87 -6.46 -36.08 -16.58
N GLY A 88 -5.77 -36.11 -17.72
CA GLY A 88 -6.40 -36.49 -18.99
C GLY A 88 -6.41 -35.43 -20.09
N PHE A 89 -5.90 -34.23 -19.79
CA PHE A 89 -5.75 -33.19 -20.80
C PHE A 89 -4.61 -33.53 -21.75
N GLU A 90 -4.64 -33.00 -22.97
CA GLU A 90 -3.52 -33.13 -23.87
C GLU A 90 -2.71 -31.85 -23.80
N VAL A 91 -1.41 -32.01 -23.54
CA VAL A 91 -0.56 -30.86 -23.20
C VAL A 91 0.68 -30.81 -24.10
N GLU A 92 0.90 -29.66 -24.72
CA GLU A 92 2.16 -29.36 -25.39
C GLU A 92 2.87 -28.25 -24.62
N ARG A 93 4.18 -28.38 -24.47
CA ARG A 93 5.00 -27.35 -23.84
C ARG A 93 5.58 -26.41 -24.87
N LEU A 94 5.32 -25.12 -24.71
CA LEU A 94 5.84 -24.14 -25.65
C LEU A 94 6.89 -23.27 -24.98
N SER A 95 7.75 -22.67 -25.81
CA SER A 95 8.71 -21.69 -25.34
C SER A 95 8.42 -20.30 -25.91
N GLY A 96 8.88 -19.27 -25.21
CA GLY A 96 8.69 -17.91 -25.67
C GLY A 96 9.77 -16.94 -25.21
N ARG A 97 9.69 -15.72 -25.73
CA ARG A 97 10.65 -14.65 -25.49
C ARG A 97 9.91 -13.53 -24.80
N VAL A 98 10.47 -12.99 -23.72
CA VAL A 98 9.77 -11.96 -22.95
C VAL A 98 10.06 -10.59 -23.52
N VAL A 99 8.99 -9.87 -23.87
CA VAL A 99 9.13 -8.56 -24.48
C VAL A 99 8.59 -7.46 -23.56
N TRP A 100 8.23 -7.84 -22.34
CA TRP A 100 7.59 -6.91 -21.41
C TRP A 100 8.45 -5.65 -21.17
N MET A 101 7.85 -4.50 -21.46
CA MET A 101 8.48 -3.18 -21.27
C MET A 101 9.76 -2.96 -22.08
N ARG A 102 9.99 -3.81 -23.08
CA ARG A 102 11.13 -3.65 -23.97
C ARG A 102 10.85 -2.60 -25.03
N ALA A 103 11.87 -1.83 -25.37
CA ALA A 103 11.77 -0.84 -26.44
C ALA A 103 11.42 -1.50 -27.77
N ASP A 104 10.74 -0.73 -28.63
CA ASP A 104 10.31 -1.17 -29.94
C ASP A 104 11.47 -1.69 -30.80
N ASP A 105 12.67 -1.15 -30.56
CA ASP A 105 13.85 -1.45 -31.36
C ASP A 105 14.91 -2.27 -30.59
N ALA A 106 14.48 -2.90 -29.49
CA ALA A 106 15.38 -3.69 -28.65
C ALA A 106 15.83 -4.95 -29.38
N PRO A 107 17.02 -5.49 -29.03
CA PRO A 107 17.43 -6.74 -29.66
C PRO A 107 16.46 -7.87 -29.31
N LEU A 108 16.38 -8.87 -30.18
CA LEU A 108 15.54 -10.04 -29.95
C LEU A 108 15.90 -10.69 -28.58
N PRO A 109 14.90 -10.89 -27.71
CA PRO A 109 15.23 -11.53 -26.44
C PRO A 109 15.47 -13.04 -26.58
N ALA A 110 16.21 -13.61 -25.63
CA ALA A 110 16.35 -15.07 -25.53
C ALA A 110 15.01 -15.74 -25.27
N GLN A 111 14.94 -17.03 -25.59
CA GLN A 111 13.79 -17.84 -25.19
C GLN A 111 13.98 -18.15 -23.71
N THR A 112 13.19 -17.46 -22.88
CA THR A 112 13.31 -17.61 -21.42
C THR A 112 11.99 -17.96 -20.74
N HIS A 113 10.95 -18.14 -21.55
CA HIS A 113 9.63 -18.47 -20.99
C HIS A 113 9.15 -19.83 -21.48
N ASN A 114 8.22 -20.41 -20.73
CA ASN A 114 7.65 -21.73 -21.03
C ASN A 114 6.18 -21.60 -20.66
N VAL A 115 5.31 -21.96 -21.61
CA VAL A 115 3.86 -21.93 -21.40
C VAL A 115 3.25 -23.24 -21.92
N LEU A 116 1.94 -23.43 -21.69
CA LEU A 116 1.29 -24.67 -22.10
C LEU A 116 0.23 -24.41 -23.16
N SER A 117 0.15 -25.34 -24.11
CA SER A 117 -0.98 -25.37 -25.02
C SER A 117 -1.78 -26.63 -24.70
N VAL A 118 -3.02 -26.44 -24.25
CA VAL A 118 -3.80 -27.51 -23.62
C VAL A 118 -5.08 -27.79 -24.41
N ALA A 119 -5.34 -29.07 -24.67
CA ALA A 119 -6.59 -29.49 -25.32
C ALA A 119 -7.41 -30.32 -24.36
N VAL A 120 -8.73 -30.12 -24.38
CA VAL A 120 -9.63 -31.09 -23.75
C VAL A 120 -9.87 -32.26 -24.73
N PRO A 121 -9.90 -33.50 -24.21
CA PRO A 121 -10.19 -34.70 -25.01
C PRO A 121 -11.24 -34.53 -26.13
N GLY A 122 -12.25 -33.69 -25.92
CA GLY A 122 -13.21 -33.32 -26.97
C GLY A 122 -12.78 -32.05 -27.70
N ALA A 123 -12.04 -32.23 -28.78
CA ALA A 123 -11.24 -31.17 -29.42
C ALA A 123 -11.97 -29.88 -29.83
N ASP A 124 -12.16 -28.98 -28.86
CA ASP A 124 -12.64 -27.62 -29.16
C ASP A 124 -11.46 -26.66 -29.26
N GLY A 125 -10.50 -27.01 -30.12
CA GLY A 125 -9.27 -26.22 -30.26
C GLY A 125 -8.36 -26.37 -29.05
N ARG A 126 -7.49 -25.38 -28.84
CA ARG A 126 -6.52 -25.44 -27.75
C ARG A 126 -6.59 -24.19 -26.90
N TYR A 127 -6.09 -24.31 -25.67
CA TYR A 127 -6.05 -23.20 -24.72
C TYR A 127 -4.63 -22.88 -24.31
N LEU A 128 -4.32 -21.59 -24.26
CA LEU A 128 -3.09 -21.12 -23.62
C LEU A 128 -3.25 -21.14 -22.12
N VAL A 129 -2.31 -21.78 -21.44
CA VAL A 129 -2.31 -21.83 -19.99
C VAL A 129 -0.92 -21.40 -19.53
N ASP A 130 -0.89 -20.43 -18.61
CA ASP A 130 0.39 -19.91 -18.14
C ASP A 130 0.20 -19.44 -16.71
N VAL A 131 0.68 -20.24 -15.77
CA VAL A 131 0.63 -19.88 -14.36
C VAL A 131 2.01 -19.50 -13.84
N GLY A 132 2.95 -19.29 -14.76
CA GLY A 132 4.35 -19.11 -14.40
C GLY A 132 5.00 -17.78 -14.73
N PHE A 133 4.22 -16.80 -15.19
CA PHE A 133 4.81 -15.53 -15.63
C PHE A 133 5.04 -14.55 -14.48
N GLY A 134 4.53 -14.88 -13.29
CA GLY A 134 4.73 -14.05 -12.10
C GLY A 134 3.50 -13.20 -11.78
N GLY A 135 3.74 -11.97 -11.33
CA GLY A 135 2.62 -11.09 -10.93
C GLY A 135 1.57 -10.82 -11.99
N GLN A 136 1.98 -10.78 -13.26
CA GLN A 136 1.07 -10.51 -14.37
C GLN A 136 0.66 -11.78 -15.13
N THR A 137 0.83 -12.93 -14.50
CA THR A 137 0.50 -14.20 -15.18
C THR A 137 -1.00 -14.32 -15.45
N LEU A 138 -1.34 -15.03 -16.52
CA LEU A 138 -2.74 -15.35 -16.80
C LEU A 138 -3.42 -16.05 -15.64
N THR A 139 -4.64 -15.61 -15.31
CA THR A 139 -5.39 -16.16 -14.20
C THR A 139 -6.59 -16.98 -14.67
N SER A 140 -6.69 -17.16 -15.98
CA SER A 140 -7.64 -18.09 -16.61
C SER A 140 -6.91 -18.73 -17.76
N PRO A 141 -7.37 -19.93 -18.19
CA PRO A 141 -6.97 -20.38 -19.50
C PRO A 141 -7.67 -19.50 -20.54
N ILE A 142 -7.03 -19.23 -21.66
CA ILE A 142 -7.69 -18.50 -22.75
C ILE A 142 -7.58 -19.32 -24.02
N ARG A 143 -8.46 -19.04 -24.99
CA ARG A 143 -8.38 -19.76 -26.25
C ARG A 143 -7.11 -19.39 -26.98
N LEU A 144 -6.34 -20.36 -27.45
CA LEU A 144 -5.13 -20.09 -28.20
C LEU A 144 -5.59 -19.77 -29.63
N GLU A 145 -6.02 -18.56 -29.77
CA GLU A 145 -6.64 -18.04 -30.97
C GLU A 145 -6.29 -16.56 -31.08
N ALA A 146 -5.62 -16.20 -32.17
CA ALA A 146 -5.25 -14.82 -32.38
C ALA A 146 -6.42 -13.98 -32.82
N GLY A 147 -6.49 -12.76 -32.29
CA GLY A 147 -7.50 -11.78 -32.71
C GLY A 147 -8.34 -11.20 -31.59
N PRO A 148 -9.21 -12.03 -30.99
CA PRO A 148 -10.16 -11.46 -30.02
C PRO A 148 -9.56 -11.06 -28.67
N VAL A 149 -10.10 -9.99 -28.11
CA VAL A 149 -9.87 -9.67 -26.72
C VAL A 149 -10.63 -10.68 -25.88
N GLN A 150 -9.95 -11.30 -24.92
CA GLN A 150 -10.56 -12.31 -24.10
C GLN A 150 -10.56 -11.89 -22.64
N GLN A 151 -11.72 -11.96 -21.99
CA GLN A 151 -11.82 -11.71 -20.56
C GLN A 151 -11.20 -12.85 -19.77
N THR A 152 -10.71 -12.52 -18.58
CA THR A 152 -10.16 -13.48 -17.62
C THR A 152 -10.74 -13.18 -16.23
N ARG A 153 -10.24 -13.86 -15.21
CA ARG A 153 -10.63 -13.57 -13.82
C ARG A 153 -10.21 -12.17 -13.38
N HIS A 154 -9.27 -11.57 -14.12
CA HIS A 154 -8.75 -10.25 -13.80
C HIS A 154 -8.90 -9.36 -15.05
N GLU A 155 -7.80 -8.96 -15.68
CA GLU A 155 -7.83 -8.01 -16.81
C GLU A 155 -8.08 -8.74 -18.12
N PRO A 156 -8.55 -8.01 -19.14
CA PRO A 156 -8.58 -8.59 -20.48
C PRO A 156 -7.17 -8.90 -21.01
N TYR A 157 -7.05 -10.00 -21.74
CA TYR A 157 -5.82 -10.34 -22.46
C TYR A 157 -6.12 -10.53 -23.94
N ARG A 158 -5.08 -10.55 -24.77
CA ARG A 158 -5.27 -10.72 -26.22
C ARG A 158 -4.05 -11.40 -26.85
N LEU A 159 -4.33 -12.39 -27.70
CA LEU A 159 -3.31 -12.97 -28.55
C LEU A 159 -3.40 -12.36 -29.94
N THR A 160 -2.26 -11.99 -30.49
CA THR A 160 -2.16 -11.61 -31.91
C THR A 160 -1.05 -12.46 -32.51
N ARG A 161 -1.02 -12.58 -33.83
CA ARG A 161 0.07 -13.32 -34.45
C ARG A 161 0.50 -12.77 -35.79
N HIS A 162 1.79 -12.95 -36.07
CA HIS A 162 2.35 -12.79 -37.39
C HIS A 162 2.91 -14.16 -37.73
N GLY A 163 2.27 -14.85 -38.67
CA GLY A 163 2.62 -16.25 -38.96
C GLY A 163 2.42 -17.06 -37.69
N ASP A 164 3.41 -17.87 -37.31
CA ASP A 164 3.29 -18.63 -36.05
C ASP A 164 3.84 -17.88 -34.83
N ASP A 165 4.36 -16.66 -35.02
CA ASP A 165 4.81 -15.85 -33.88
C ASP A 165 3.64 -15.15 -33.20
N HIS A 166 3.22 -15.70 -32.07
CA HIS A 166 2.13 -15.12 -31.31
C HIS A 166 2.68 -14.15 -30.28
N THR A 167 1.89 -13.12 -29.99
CA THR A 167 2.18 -12.23 -28.88
C THR A 167 1.01 -12.24 -27.91
N LEU A 168 1.28 -12.49 -26.64
CA LEU A 168 0.28 -12.30 -25.59
C LEU A 168 0.42 -10.91 -24.98
N ALA A 169 -0.68 -10.17 -24.93
CA ALA A 169 -0.73 -8.86 -24.27
C ALA A 169 -1.78 -8.84 -23.18
N ALA A 170 -1.58 -7.95 -22.21
CA ALA A 170 -2.53 -7.74 -21.14
C ALA A 170 -2.92 -6.28 -21.08
N GLN A 171 -4.19 -6.01 -20.77
CA GLN A 171 -4.64 -4.65 -20.58
C GLN A 171 -4.36 -4.29 -19.14
N VAL A 172 -3.24 -3.61 -18.93
CA VAL A 172 -2.79 -3.30 -17.58
C VAL A 172 -3.14 -1.84 -17.28
N ARG A 173 -4.09 -1.67 -16.36
CA ARG A 173 -4.55 -0.35 -15.95
C ARG A 173 -4.90 0.56 -17.14
N GLY A 174 -5.69 0.01 -18.07
CA GLY A 174 -6.16 0.75 -19.24
C GLY A 174 -5.23 0.81 -20.42
N GLU A 175 -4.02 0.25 -20.25
CA GLU A 175 -3.00 0.29 -21.29
C GLU A 175 -2.60 -1.13 -21.68
N TRP A 176 -2.68 -1.43 -22.97
CA TRP A 176 -2.23 -2.72 -23.47
C TRP A 176 -0.73 -2.83 -23.46
N GLN A 177 -0.25 -3.95 -22.92
CA GLN A 177 1.18 -4.19 -22.76
C GLN A 177 1.51 -5.59 -23.26
N PRO A 178 2.34 -5.68 -24.31
CA PRO A 178 2.84 -6.97 -24.72
C PRO A 178 3.67 -7.62 -23.60
N LEU A 179 3.45 -8.90 -23.38
CA LEU A 179 4.13 -9.64 -22.32
C LEU A 179 5.22 -10.53 -22.90
N TYR A 180 4.85 -11.39 -23.84
CA TYR A 180 5.85 -12.26 -24.46
C TYR A 180 5.36 -12.72 -25.82
N THR A 181 6.31 -13.21 -26.61
CA THR A 181 6.00 -13.82 -27.88
C THR A 181 6.33 -15.31 -27.78
N PHE A 182 5.64 -16.12 -28.57
CA PHE A 182 5.90 -17.56 -28.57
C PHE A 182 5.43 -18.18 -29.87
N THR A 183 6.02 -19.33 -30.22
CA THR A 183 5.49 -20.13 -31.32
C THR A 183 4.77 -21.35 -30.77
N THR A 184 4.00 -22.02 -31.62
CA THR A 184 3.27 -23.19 -31.17
C THR A 184 4.01 -24.51 -31.46
N GLU A 185 5.31 -24.42 -31.74
CA GLU A 185 6.14 -25.63 -31.91
C GLU A 185 6.34 -26.32 -30.55
N PRO A 186 5.85 -27.57 -30.38
CA PRO A 186 6.07 -28.25 -29.12
C PRO A 186 7.55 -28.47 -28.83
N ARG A 187 7.94 -28.25 -27.57
CA ARG A 187 9.34 -28.33 -27.17
C ARG A 187 9.59 -29.55 -26.30
N PRO A 188 10.73 -30.24 -26.55
CA PRO A 188 11.08 -31.32 -25.66
C PRO A 188 11.64 -30.78 -24.36
N ARG A 189 11.58 -31.62 -23.32
CA ARG A 189 12.01 -31.17 -21.99
C ARG A 189 13.44 -30.64 -21.98
N ILE A 190 14.34 -31.31 -22.70
CA ILE A 190 15.73 -30.87 -22.71
C ILE A 190 15.91 -29.42 -23.19
N ASP A 191 15.12 -29.02 -24.18
CA ASP A 191 15.24 -27.65 -24.70
C ASP A 191 14.75 -26.63 -23.67
N LEU A 192 13.73 -27.01 -22.90
CA LEU A 192 13.29 -26.20 -21.76
C LEU A 192 14.36 -26.14 -20.68
N GLU A 193 15.02 -27.27 -20.43
CA GLU A 193 16.09 -27.32 -19.44
C GLU A 193 17.29 -26.45 -19.82
N VAL A 194 17.62 -26.37 -21.12
CA VAL A 194 18.72 -25.50 -21.58
C VAL A 194 18.33 -24.01 -21.32
N GLY A 195 17.09 -23.67 -21.64
CA GLY A 195 16.59 -22.33 -21.34
C GLY A 195 16.64 -22.04 -19.86
N SER A 196 16.17 -23.00 -19.05
CA SER A 196 16.16 -22.79 -17.62
C SER A 196 17.57 -22.66 -17.03
N TRP A 197 18.51 -23.44 -17.57
CA TRP A 197 19.90 -23.26 -17.18
C TRP A 197 20.36 -21.81 -17.40
N TYR A 198 20.09 -21.27 -18.58
CA TYR A 198 20.43 -19.88 -18.91
C TYR A 198 19.81 -18.88 -17.93
N VAL A 199 18.49 -19.01 -17.74
CA VAL A 199 17.76 -18.02 -16.93
C VAL A 199 18.22 -18.07 -15.47
N SER A 200 18.59 -19.27 -15.00
CA SER A 200 18.93 -19.46 -13.59
C SER A 200 20.42 -19.30 -13.30
N THR A 201 21.26 -19.16 -14.33
CA THR A 201 22.73 -19.06 -14.10
C THR A 201 23.45 -17.92 -14.80
N HIS A 202 22.87 -17.35 -15.85
CA HIS A 202 23.58 -16.28 -16.54
C HIS A 202 23.67 -15.05 -15.61
N PRO A 203 24.89 -14.49 -15.42
CA PRO A 203 25.06 -13.43 -14.41
C PRO A 203 24.31 -12.13 -14.70
N GLY A 204 23.80 -11.97 -15.92
CA GLY A 204 22.98 -10.83 -16.29
C GLY A 204 21.48 -11.09 -16.28
N SER A 205 21.10 -12.33 -15.96
CA SER A 205 19.69 -12.68 -15.91
C SER A 205 18.95 -11.90 -14.83
N HIS A 206 17.77 -11.39 -15.20
CA HIS A 206 16.86 -10.72 -14.26
C HIS A 206 16.62 -11.57 -13.02
N PHE A 207 16.63 -12.90 -13.19
CA PHE A 207 16.35 -13.82 -12.09
C PHE A 207 17.58 -14.31 -11.34
N VAL A 208 18.75 -13.77 -11.71
CA VAL A 208 20.01 -13.98 -10.99
C VAL A 208 20.41 -12.70 -10.24
N THR A 209 20.07 -11.53 -10.79
CA THR A 209 20.55 -10.26 -10.23
C THR A 209 19.65 -9.63 -9.18
N GLY A 210 18.48 -10.21 -8.96
CA GLY A 210 17.59 -9.69 -7.94
C GLY A 210 16.57 -10.73 -7.54
N LEU A 211 15.60 -10.29 -6.74
CA LEU A 211 14.60 -11.15 -6.12
C LEU A 211 13.21 -10.80 -6.64
N THR A 212 12.50 -11.78 -7.18
CA THR A 212 11.10 -11.59 -7.60
C THR A 212 10.25 -12.66 -6.93
N VAL A 213 9.20 -12.22 -6.23
CA VAL A 213 8.25 -13.11 -5.59
C VAL A 213 6.85 -12.61 -5.94
N ALA A 214 5.94 -13.50 -6.29
CA ALA A 214 4.60 -13.04 -6.67
C ALA A 214 3.53 -14.06 -6.33
N VAL A 215 2.29 -13.59 -6.22
CA VAL A 215 1.16 -14.49 -6.05
C VAL A 215 -0.07 -13.71 -6.51
N VAL A 216 -1.12 -14.44 -6.90
CA VAL A 216 -2.32 -13.75 -7.40
C VAL A 216 -3.55 -14.35 -6.74
N THR A 217 -4.32 -13.49 -6.06
CA THR A 217 -5.55 -13.90 -5.41
C THR A 217 -6.72 -13.44 -6.26
N ASP A 218 -7.94 -13.81 -5.86
CA ASP A 218 -9.12 -13.35 -6.60
C ASP A 218 -9.18 -11.83 -6.70
N ASP A 219 -8.68 -11.14 -5.68
CA ASP A 219 -8.81 -9.67 -5.57
C ASP A 219 -7.61 -8.88 -6.01
N ALA A 220 -6.43 -9.50 -6.06
CA ALA A 220 -5.24 -8.69 -6.28
C ALA A 220 -4.06 -9.46 -6.84
N ARG A 221 -3.20 -8.75 -7.56
CA ARG A 221 -1.91 -9.28 -7.99
C ARG A 221 -0.83 -8.71 -7.09
N TYR A 222 0.05 -9.58 -6.59
CA TYR A 222 1.14 -9.18 -5.71
C TYR A 222 2.46 -9.47 -6.39
N ASN A 223 3.32 -8.44 -6.48
CA ASN A 223 4.63 -8.63 -7.09
C ASN A 223 5.71 -7.90 -6.33
N LEU A 224 6.60 -8.68 -5.74
CA LEU A 224 7.74 -8.16 -4.98
C LEU A 224 8.98 -8.22 -5.85
N ARG A 225 9.65 -7.07 -6.04
CA ARG A 225 10.98 -7.05 -6.62
C ARG A 225 11.88 -6.38 -5.58
N GLY A 226 12.85 -7.11 -5.06
CA GLY A 226 13.71 -6.54 -4.02
C GLY A 226 12.88 -6.09 -2.82
N ARG A 227 13.04 -4.82 -2.39
CA ARG A 227 12.29 -4.28 -1.25
C ARG A 227 10.89 -3.77 -1.59
N ASN A 228 10.55 -3.79 -2.88
CA ASN A 228 9.34 -3.14 -3.38
C ASN A 228 8.24 -4.13 -3.72
N LEU A 229 7.16 -4.06 -2.95
CA LEU A 229 5.99 -4.89 -3.18
C LEU A 229 4.91 -4.08 -3.89
N ALA A 230 4.60 -4.46 -5.12
CA ALA A 230 3.50 -3.83 -5.84
C ALA A 230 2.22 -4.67 -5.70
N VAL A 231 1.09 -3.99 -5.48
CA VAL A 231 -0.21 -4.64 -5.42
C VAL A 231 -1.12 -3.94 -6.43
N HIS A 232 -1.71 -4.70 -7.34
CA HIS A 232 -2.72 -4.18 -8.24
C HIS A 232 -4.06 -4.74 -7.86
N ARG A 233 -4.99 -3.86 -7.50
CA ARG A 233 -6.34 -4.24 -7.11
C ARG A 233 -7.28 -3.43 -7.98
N SER A 234 -8.56 -3.77 -7.95
CA SER A 234 -9.54 -3.00 -8.70
C SER A 234 -9.63 -1.59 -8.07
N GLY A 235 -9.31 -0.57 -8.86
CA GLY A 235 -9.46 0.82 -8.41
C GLY A 235 -8.23 1.47 -7.78
N ALA A 236 -7.16 0.70 -7.58
CA ALA A 236 -5.98 1.21 -6.87
C ALA A 236 -4.75 0.38 -7.10
N THR A 237 -3.60 1.04 -7.05
CA THR A 237 -2.32 0.36 -6.99
C THR A 237 -1.75 0.65 -5.60
N GLU A 238 -0.96 -0.27 -5.07
CA GLU A 238 -0.23 -0.06 -3.83
C GLU A 238 1.24 -0.35 -4.06
N HIS A 239 2.09 0.48 -3.47
CA HIS A 239 3.52 0.24 -3.47
C HIS A 239 4.01 0.23 -2.04
N ILE A 240 4.42 -0.94 -1.57
CA ILE A 240 4.93 -1.11 -0.22
C ILE A 240 6.45 -1.20 -0.32
N ARG A 241 7.14 -0.27 0.35
CA ARG A 241 8.61 -0.26 0.34
C ARG A 241 9.14 -0.69 1.69
N PHE A 242 9.74 -1.88 1.72
CA PHE A 242 10.33 -2.41 2.95
C PHE A 242 11.65 -1.73 3.28
N ASP A 243 11.88 -1.56 4.58
CA ASP A 243 13.06 -0.87 5.06
C ASP A 243 14.34 -1.65 4.85
N SER A 244 14.27 -2.97 5.05
CA SER A 244 15.46 -3.85 5.11
C SER A 244 15.14 -5.27 4.68
N ALA A 245 16.18 -6.09 4.60
CA ALA A 245 16.05 -7.53 4.30
C ALA A 245 15.16 -8.30 5.29
N ALA A 246 15.17 -7.95 6.58
CA ALA A 246 14.31 -8.67 7.53
C ALA A 246 12.83 -8.58 7.22
N GLN A 247 12.36 -7.39 6.86
CA GLN A 247 10.96 -7.18 6.51
C GLN A 247 10.63 -7.92 5.20
N VAL A 248 11.60 -7.93 4.28
CA VAL A 248 11.44 -8.66 3.02
C VAL A 248 11.27 -10.16 3.31
N LEU A 249 12.17 -10.70 4.14
CA LEU A 249 12.05 -12.09 4.58
C LEU A 249 10.74 -12.40 5.31
N ASP A 250 10.28 -11.48 6.15
CA ASP A 250 8.97 -11.67 6.79
C ASP A 250 7.85 -11.76 5.75
N ALA A 251 7.90 -10.90 4.73
CA ALA A 251 6.90 -10.92 3.65
C ALA A 251 6.96 -12.26 2.92
N ILE A 252 8.19 -12.70 2.61
CA ILE A 252 8.40 -13.96 1.90
C ILE A 252 7.73 -15.13 2.64
N VAL A 253 7.94 -15.18 3.96
CA VAL A 253 7.42 -16.30 4.77
C VAL A 253 5.91 -16.18 5.03
N ASN A 254 5.47 -14.99 5.42
CA ASN A 254 4.12 -14.80 5.95
C ASN A 254 3.09 -14.20 4.98
N ARG A 255 3.54 -13.38 4.04
CA ARG A 255 2.67 -12.93 2.96
C ARG A 255 2.61 -13.99 1.85
N PHE A 256 3.78 -14.49 1.44
CA PHE A 256 3.86 -15.36 0.27
C PHE A 256 3.87 -16.86 0.58
N GLY A 257 3.94 -17.21 1.86
CA GLY A 257 3.82 -18.61 2.28
C GLY A 257 4.97 -19.52 1.92
N ILE A 258 6.17 -18.96 1.79
CA ILE A 258 7.35 -19.74 1.42
C ILE A 258 8.16 -20.12 2.65
N ASP A 259 8.44 -21.42 2.78
CA ASP A 259 9.24 -21.96 3.87
C ASP A 259 10.74 -21.79 3.59
N LEU A 260 11.38 -20.86 4.29
CA LEU A 260 12.81 -20.59 4.13
C LEU A 260 13.72 -21.55 4.91
N GLY A 261 13.12 -22.34 5.80
CA GLY A 261 13.83 -23.45 6.44
C GLY A 261 14.49 -24.36 5.42
N ASP A 262 13.83 -24.49 4.26
CA ASP A 262 14.37 -25.18 3.08
C ASP A 262 15.79 -24.71 2.69
N LEU A 263 16.10 -23.45 2.98
CA LEU A 263 17.36 -22.84 2.55
C LEU A 263 18.34 -22.57 3.70
N ALA A 264 18.31 -23.43 4.72
CA ALA A 264 19.17 -23.30 5.90
C ALA A 264 20.65 -23.22 5.54
N GLY A 265 21.36 -22.28 6.19
CA GLY A 265 22.83 -22.15 6.04
C GLY A 265 23.31 -21.47 4.74
N ARG A 266 22.41 -20.76 4.08
CA ARG A 266 22.77 -20.10 2.83
C ARG A 266 22.85 -18.57 2.98
N ASP A 267 22.57 -18.09 4.18
CA ASP A 267 22.50 -16.64 4.52
C ASP A 267 21.63 -15.86 3.56
N VAL A 268 20.38 -16.33 3.50
CA VAL A 268 19.37 -15.74 2.68
C VAL A 268 19.25 -14.24 2.96
N GLN A 269 19.24 -13.87 4.25
CA GLN A 269 19.00 -12.50 4.63
C GLN A 269 20.07 -11.57 4.05
N ALA A 270 21.34 -11.99 4.11
CA ALA A 270 22.44 -11.20 3.57
C ALA A 270 22.39 -11.05 2.05
N ARG A 271 21.95 -12.11 1.36
CA ARG A 271 21.88 -12.02 -0.09
C ARG A 271 20.69 -11.14 -0.53
N VAL A 272 19.58 -11.28 0.17
CA VAL A 272 18.43 -10.40 -0.07
C VAL A 272 18.82 -8.93 0.16
N ALA A 273 19.65 -8.67 1.17
CA ALA A 273 20.12 -7.30 1.40
C ALA A 273 20.82 -6.71 0.17
N GLU A 274 21.61 -7.53 -0.53
CA GLU A 274 22.35 -7.09 -1.72
C GLU A 274 21.46 -6.64 -2.87
N VAL A 275 20.24 -7.20 -2.91
CA VAL A 275 19.36 -7.00 -4.05
C VAL A 275 18.07 -6.21 -3.72
N LEU A 276 18.07 -5.44 -2.64
CA LEU A 276 16.88 -4.66 -2.29
C LEU A 276 16.48 -3.75 -3.43
N ASP A 277 17.47 -3.22 -4.15
CA ASP A 277 17.21 -2.21 -5.17
C ASP A 277 17.67 -2.59 -6.56
N THR A 278 17.75 -3.90 -6.80
CA THR A 278 18.13 -4.40 -8.12
C THR A 278 16.98 -5.18 -8.77
N MET B 6 -21.86 23.10 28.15
CA MET B 6 -20.94 22.17 27.42
C MET B 6 -21.26 20.70 27.71
N ASP B 7 -22.05 20.09 26.83
CA ASP B 7 -22.24 18.64 26.86
C ASP B 7 -21.04 17.99 26.21
N LEU B 8 -20.41 17.09 26.95
CA LEU B 8 -19.18 16.44 26.52
C LEU B 8 -19.41 14.98 26.14
N GLY B 9 -20.62 14.49 26.45
CA GLY B 9 -20.98 13.09 26.20
C GLY B 9 -20.87 12.69 24.74
N GLY B 10 -21.28 13.61 23.85
CA GLY B 10 -21.19 13.40 22.42
C GLY B 10 -19.74 13.24 21.97
N TYR B 11 -18.88 14.12 22.49
CA TYR B 11 -17.46 14.08 22.15
C TYR B 11 -16.81 12.78 22.64
N LEU B 12 -17.12 12.40 23.88
CA LEU B 12 -16.53 11.22 24.48
C LEU B 12 -16.93 9.94 23.75
N THR B 13 -18.21 9.84 23.40
CA THR B 13 -18.69 8.75 22.54
C THR B 13 -18.01 8.76 21.17
N ARG B 14 -17.84 9.95 20.59
CA ARG B 14 -17.18 10.10 19.28
C ARG B 14 -15.77 9.52 19.28
N ILE B 15 -15.03 9.71 20.38
CA ILE B 15 -13.66 9.22 20.45
C ILE B 15 -13.50 7.86 21.14
N GLY B 16 -14.63 7.25 21.52
CA GLY B 16 -14.59 5.90 22.07
C GLY B 16 -14.24 5.81 23.54
N LEU B 17 -14.57 6.86 24.29
CA LEU B 17 -14.44 6.86 25.75
C LEU B 17 -15.83 7.05 26.37
N ASP B 18 -15.93 6.87 27.68
CA ASP B 18 -17.18 7.16 28.38
C ASP B 18 -16.96 7.72 29.78
N GLY B 19 -18.06 7.98 30.48
CA GLY B 19 -18.00 8.60 31.79
C GLY B 19 -17.47 10.01 31.74
N ARG B 20 -16.91 10.45 32.85
CA ARG B 20 -16.32 11.78 32.94
C ARG B 20 -14.90 11.61 33.46
N PRO B 21 -13.91 11.57 32.57
CA PRO B 21 -12.55 11.34 33.04
C PRO B 21 -12.05 12.51 33.87
N ARG B 22 -11.19 12.22 34.85
CA ARG B 22 -10.64 13.25 35.73
C ARG B 22 -9.50 13.99 35.04
N PRO B 23 -9.32 15.29 35.37
CA PRO B 23 -8.28 16.07 34.69
C PRO B 23 -6.86 15.76 35.15
N ASP B 24 -6.38 14.55 34.90
CA ASP B 24 -5.00 14.17 35.20
C ASP B 24 -4.21 13.82 33.95
N LEU B 25 -2.93 13.48 34.12
CA LEU B 25 -2.03 13.21 33.02
C LEU B 25 -2.42 11.96 32.25
N GLY B 26 -2.87 10.93 32.96
CA GLY B 26 -3.36 9.70 32.34
C GLY B 26 -4.51 9.96 31.38
N THR B 27 -5.42 10.84 31.79
CA THR B 27 -6.58 11.19 30.98
C THR B 27 -6.12 11.97 29.74
N LEU B 28 -5.16 12.88 29.93
CA LEU B 28 -4.65 13.67 28.81
C LEU B 28 -4.08 12.75 27.71
N HIS B 29 -3.25 11.79 28.11
CA HIS B 29 -2.71 10.79 27.19
C HIS B 29 -3.83 10.00 26.50
N ALA B 30 -4.80 9.53 27.28
CA ALA B 30 -5.90 8.71 26.77
C ALA B 30 -6.75 9.45 25.75
N ILE B 31 -7.07 10.71 26.04
CA ILE B 31 -7.87 11.53 25.12
C ILE B 31 -7.12 11.82 23.82
N VAL B 32 -5.85 12.19 23.90
CA VAL B 32 -5.07 12.45 22.69
C VAL B 32 -5.06 11.23 21.79
N ALA B 33 -4.81 10.06 22.36
CA ALA B 33 -4.74 8.83 21.59
C ALA B 33 -6.09 8.49 20.94
N ALA B 34 -7.17 8.65 21.70
CA ALA B 34 -8.52 8.37 21.25
C ALA B 34 -8.94 9.33 20.14
N HIS B 35 -8.69 10.60 20.35
CA HIS B 35 -8.93 11.63 19.34
C HIS B 35 -8.16 11.33 18.05
N ASN B 36 -6.86 11.03 18.19
CA ASN B 36 -6.00 10.69 17.04
C ASN B 36 -6.61 9.64 16.11
N ARG B 37 -7.19 8.59 16.68
CA ARG B 37 -7.71 7.49 15.86
C ARG B 37 -9.15 7.70 15.42
N SER B 38 -9.86 8.61 16.07
CA SER B 38 -11.31 8.73 15.90
C SER B 38 -11.77 9.86 14.99
N ILE B 39 -11.07 10.99 15.05
CA ILE B 39 -11.48 12.16 14.27
C ILE B 39 -10.37 12.50 13.27
N PRO B 40 -10.66 12.31 11.97
CA PRO B 40 -9.62 12.52 10.97
C PRO B 40 -9.34 14.00 10.71
N PHE B 41 -8.13 14.28 10.22
CA PHE B 41 -7.80 15.56 9.58
C PHE B 41 -8.47 15.54 8.21
N GLU B 42 -9.16 16.62 7.86
CA GLU B 42 -9.70 16.78 6.51
C GLU B 42 -9.96 18.24 6.24
N ASN B 43 -9.87 18.60 4.96
CA ASN B 43 -10.16 19.96 4.51
C ASN B 43 -11.25 20.01 3.45
N LEU B 44 -12.26 19.14 3.56
CA LEU B 44 -13.30 19.13 2.55
C LEU B 44 -14.03 20.47 2.43
N ASP B 45 -14.24 21.15 3.56
CA ASP B 45 -14.93 22.44 3.49
C ASP B 45 -14.14 23.45 2.65
N PRO B 46 -12.89 23.79 3.03
CA PRO B 46 -12.14 24.72 2.18
C PRO B 46 -11.98 24.25 0.73
N LEU B 47 -11.79 22.94 0.52
CA LEU B 47 -11.73 22.43 -0.84
C LEU B 47 -12.98 22.80 -1.64
N LEU B 48 -14.14 22.76 -0.98
CA LEU B 48 -15.41 23.04 -1.64
C LEU B 48 -15.83 24.51 -1.55
N GLY B 49 -14.90 25.38 -1.15
CA GLY B 49 -15.18 26.83 -1.10
C GLY B 49 -15.98 27.24 0.12
N ILE B 50 -16.01 26.38 1.14
CA ILE B 50 -16.66 26.67 2.41
C ILE B 50 -15.57 27.05 3.42
N PRO B 51 -15.51 28.35 3.78
CA PRO B 51 -14.48 28.76 4.74
C PRO B 51 -14.65 28.11 6.11
N VAL B 52 -13.54 28.03 6.84
CA VAL B 52 -13.57 27.68 8.24
C VAL B 52 -13.37 28.99 9.00
N ALA B 53 -14.48 29.64 9.33
CA ALA B 53 -14.45 31.02 9.86
C ALA B 53 -14.77 31.11 11.36
N ASP B 54 -15.55 30.16 11.86
CA ASP B 54 -16.15 30.20 13.19
C ASP B 54 -15.52 29.11 14.02
N LEU B 55 -14.74 29.51 15.02
CA LEU B 55 -14.06 28.56 15.88
C LEU B 55 -14.65 28.50 17.29
N SER B 56 -15.93 28.88 17.41
CA SER B 56 -16.67 28.73 18.66
C SER B 56 -16.89 27.26 18.99
N ALA B 57 -17.13 26.98 20.26
CA ALA B 57 -17.46 25.64 20.71
C ALA B 57 -18.68 25.10 19.98
N GLU B 58 -19.70 25.94 19.86
CA GLU B 58 -20.92 25.53 19.17
C GLU B 58 -20.63 25.03 17.74
N ALA B 59 -19.83 25.78 16.98
CA ALA B 59 -19.52 25.41 15.59
C ALA B 59 -18.68 24.14 15.50
N LEU B 60 -17.68 24.04 16.37
CA LEU B 60 -16.73 22.94 16.26
C LEU B 60 -17.31 21.63 16.76
N PHE B 61 -18.08 21.69 17.85
CA PHE B 61 -18.77 20.48 18.31
C PHE B 61 -19.81 20.02 17.29
N ALA B 62 -20.53 20.95 16.70
CA ALA B 62 -21.60 20.58 15.75
C ALA B 62 -21.02 19.85 14.55
N LYS B 63 -19.88 20.35 14.04
CA LYS B 63 -19.25 19.74 12.87
C LYS B 63 -18.48 18.44 13.17
N LEU B 64 -17.50 18.51 14.08
CA LEU B 64 -16.58 17.39 14.30
C LEU B 64 -17.19 16.27 15.14
N VAL B 65 -18.22 16.60 15.92
CA VAL B 65 -18.90 15.61 16.75
C VAL B 65 -20.26 15.22 16.17
N ASP B 66 -21.21 16.16 16.17
CA ASP B 66 -22.59 15.87 15.77
C ASP B 66 -22.73 15.41 14.32
N ARG B 67 -22.02 16.06 13.39
CA ARG B 67 -22.11 15.74 11.96
C ARG B 67 -21.10 14.69 11.47
N ARG B 68 -20.25 14.23 12.39
CA ARG B 68 -19.28 13.17 12.09
C ARG B 68 -18.35 13.53 10.93
N ARG B 69 -17.98 14.79 10.89
CA ARG B 69 -16.99 15.29 9.98
C ARG B 69 -15.65 15.30 10.70
N GLY B 70 -14.57 15.43 9.93
CA GLY B 70 -13.28 15.77 10.55
C GLY B 70 -13.07 17.26 10.40
N GLY B 71 -11.82 17.69 10.48
CA GLY B 71 -11.51 19.10 10.32
C GLY B 71 -10.02 19.32 10.20
N TYR B 72 -9.61 20.57 10.11
CA TYR B 72 -8.19 20.83 10.04
C TYR B 72 -7.64 21.45 11.35
N GLN B 73 -6.45 22.02 11.31
CA GLN B 73 -5.74 22.31 12.55
C GLN B 73 -6.54 23.14 13.55
N TYR B 74 -7.17 24.21 13.08
CA TYR B 74 -7.93 25.08 14.00
C TYR B 74 -9.18 24.43 14.58
N GLU B 75 -9.72 23.48 13.82
CA GLU B 75 -10.93 22.81 14.23
C GLU B 75 -10.62 21.73 15.26
N HIS B 76 -9.58 20.95 14.99
CA HIS B 76 -9.13 19.91 15.90
C HIS B 76 -8.70 20.46 17.25
N ASN B 77 -7.73 21.35 17.26
CA ASN B 77 -7.19 21.85 18.52
C ASN B 77 -8.15 22.82 19.18
N GLY B 78 -8.97 23.50 18.38
CA GLY B 78 -10.07 24.30 18.92
C GLY B 78 -11.03 23.42 19.72
N LEU B 79 -11.55 22.37 19.09
CA LEU B 79 -12.43 21.43 19.76
C LEU B 79 -11.81 20.83 21.02
N LEU B 80 -10.59 20.30 20.89
CA LEU B 80 -9.94 19.65 22.03
C LEU B 80 -9.70 20.67 23.17
N GLY B 81 -9.38 21.90 22.82
CA GLY B 81 -9.19 22.94 23.83
C GLY B 81 -10.43 23.15 24.67
N TYR B 82 -11.59 23.21 24.03
CA TYR B 82 -12.85 23.35 24.77
C TYR B 82 -13.12 22.12 25.64
N VAL B 83 -12.87 20.94 25.08
CA VAL B 83 -13.08 19.69 25.80
C VAL B 83 -12.20 19.67 27.06
N LEU B 84 -10.91 19.97 26.89
CA LEU B 84 -9.99 19.88 28.01
C LEU B 84 -10.33 20.87 29.12
N GLU B 85 -10.72 22.10 28.75
CA GLU B 85 -11.17 23.10 29.73
C GLU B 85 -12.36 22.61 30.51
N GLU B 86 -13.33 22.02 29.80
CA GLU B 86 -14.57 21.58 30.42
C GLU B 86 -14.31 20.46 31.43
N LEU B 87 -13.30 19.63 31.13
CA LEU B 87 -12.90 18.54 32.02
C LEU B 87 -12.13 19.00 33.25
N GLY B 88 -11.61 20.23 33.21
CA GLY B 88 -10.92 20.78 34.38
C GLY B 88 -9.43 21.04 34.16
N PHE B 89 -8.94 20.83 32.94
CA PHE B 89 -7.60 21.30 32.56
C PHE B 89 -7.63 22.82 32.35
N GLU B 90 -6.45 23.45 32.37
CA GLU B 90 -6.32 24.86 32.01
C GLU B 90 -5.62 24.95 30.68
N VAL B 91 -6.23 25.66 29.72
CA VAL B 91 -5.77 25.64 28.33
C VAL B 91 -5.53 27.03 27.74
N GLU B 92 -4.33 27.22 27.21
CA GLU B 92 -4.01 28.37 26.38
C GLU B 92 -3.86 27.94 24.93
N ARG B 93 -4.43 28.73 24.03
CA ARG B 93 -4.33 28.47 22.58
C ARG B 93 -3.16 29.24 22.02
N LEU B 94 -2.26 28.54 21.33
CA LEU B 94 -1.08 29.14 20.73
C LEU B 94 -1.19 29.08 19.22
N SER B 95 -0.46 29.99 18.56
CA SER B 95 -0.38 29.97 17.10
C SER B 95 1.03 29.66 16.67
N GLY B 96 1.20 29.14 15.46
CA GLY B 96 2.54 28.87 14.96
C GLY B 96 2.67 28.92 13.45
N ARG B 97 3.90 28.79 12.98
CA ARG B 97 4.26 28.84 11.57
C ARG B 97 4.80 27.50 11.13
N VAL B 98 4.32 27.00 10.00
CA VAL B 98 4.73 25.66 9.57
C VAL B 98 6.00 25.74 8.75
N VAL B 99 7.03 24.99 9.17
CA VAL B 99 8.34 25.04 8.53
C VAL B 99 8.70 23.69 7.92
N TRP B 100 7.77 22.74 7.95
CA TRP B 100 8.05 21.39 7.44
C TRP B 100 8.57 21.40 6.01
N MET B 101 9.77 20.82 5.84
CA MET B 101 10.44 20.68 4.54
C MET B 101 10.78 21.99 3.82
N ARG B 102 10.72 23.11 4.55
CA ARG B 102 11.08 24.40 3.99
C ARG B 102 12.59 24.60 4.03
N ALA B 103 13.13 25.17 2.95
CA ALA B 103 14.55 25.52 2.88
C ALA B 103 14.96 26.45 4.03
N ASP B 104 16.25 26.49 4.33
CA ASP B 104 16.78 27.33 5.40
C ASP B 104 16.60 28.81 5.12
N ASP B 105 16.63 29.17 3.84
CA ASP B 105 16.53 30.56 3.39
C ASP B 105 15.13 30.89 2.84
N ALA B 106 14.15 30.08 3.18
CA ALA B 106 12.76 30.31 2.77
C ALA B 106 12.21 31.54 3.50
N PRO B 107 11.32 32.31 2.84
CA PRO B 107 10.71 33.44 3.53
C PRO B 107 9.94 32.96 4.76
N LEU B 108 9.76 33.83 5.74
CA LEU B 108 9.02 33.51 6.95
C LEU B 108 7.59 33.06 6.58
N PRO B 109 7.15 31.89 7.09
CA PRO B 109 5.77 31.48 6.80
C PRO B 109 4.75 32.25 7.60
N ALA B 110 3.53 32.31 7.08
CA ALA B 110 2.39 32.84 7.83
C ALA B 110 2.10 32.02 9.10
N GLN B 111 1.44 32.63 10.06
CA GLN B 111 0.88 31.87 11.18
C GLN B 111 -0.34 31.13 10.69
N THR B 112 -0.20 29.82 10.46
CA THR B 112 -1.28 28.99 9.92
C THR B 112 -1.60 27.79 10.82
N HIS B 113 -0.92 27.68 11.97
CA HIS B 113 -1.16 26.56 12.86
C HIS B 113 -1.65 27.02 14.23
N ASN B 114 -2.32 26.12 14.94
CA ASN B 114 -2.92 26.42 16.25
C ASN B 114 -2.65 25.17 17.09
N VAL B 115 -2.01 25.37 18.25
CA VAL B 115 -1.76 24.25 19.17
C VAL B 115 -2.19 24.61 20.58
N LEU B 116 -2.12 23.65 21.50
CA LEU B 116 -2.55 23.91 22.88
C LEU B 116 -1.42 23.80 23.86
N SER B 117 -1.44 24.70 24.85
CA SER B 117 -0.56 24.59 26.00
C SER B 117 -1.46 24.33 27.21
N VAL B 118 -1.29 23.16 27.80
CA VAL B 118 -2.23 22.65 28.79
C VAL B 118 -1.55 22.50 30.15
N ALA B 119 -2.17 23.07 31.17
CA ALA B 119 -1.75 22.84 32.55
C ALA B 119 -2.62 21.75 33.13
N VAL B 120 -1.97 20.76 33.73
CA VAL B 120 -2.65 19.67 34.40
C VAL B 120 -2.66 19.97 35.91
N PRO B 121 -3.85 20.01 36.53
CA PRO B 121 -3.92 20.33 37.96
C PRO B 121 -3.03 19.40 38.79
N GLY B 122 -2.23 19.97 39.67
CA GLY B 122 -1.29 19.20 40.49
C GLY B 122 0.06 18.88 39.88
N ALA B 123 0.21 19.08 38.57
CA ALA B 123 1.46 18.76 37.85
C ALA B 123 2.24 20.00 37.45
N ASP B 124 3.56 19.88 37.46
CA ASP B 124 4.47 21.00 37.16
C ASP B 124 4.44 21.36 35.69
N GLY B 125 4.53 22.66 35.41
CA GLY B 125 4.73 23.15 34.05
C GLY B 125 3.51 23.01 33.17
N ARG B 126 3.76 22.93 31.86
CA ARG B 126 2.68 22.84 30.87
C ARG B 126 3.02 21.75 29.86
N TYR B 127 1.99 21.27 29.18
CA TYR B 127 2.13 20.27 28.13
C TYR B 127 1.68 20.79 26.78
N LEU B 128 2.49 20.51 25.78
CA LEU B 128 2.10 20.77 24.40
C LEU B 128 1.17 19.65 23.94
N VAL B 129 0.02 20.05 23.41
CA VAL B 129 -0.96 19.13 22.87
C VAL B 129 -1.31 19.64 21.48
N ASP B 130 -1.17 18.77 20.50
CA ASP B 130 -1.45 19.11 19.11
C ASP B 130 -2.02 17.87 18.42
N VAL B 131 -3.34 17.83 18.26
CA VAL B 131 -3.97 16.74 17.53
C VAL B 131 -4.43 17.18 16.13
N GLY B 132 -3.96 18.35 15.69
CA GLY B 132 -4.41 18.94 14.44
C GLY B 132 -3.40 19.13 13.32
N PHE B 133 -2.23 18.51 13.43
CA PHE B 133 -1.20 18.74 12.43
C PHE B 133 -1.29 17.77 11.25
N GLY B 134 -2.21 16.83 11.35
CA GLY B 134 -2.46 15.87 10.27
C GLY B 134 -1.70 14.58 10.47
N GLY B 135 -1.12 14.07 9.39
CA GLY B 135 -0.48 12.77 9.39
C GLY B 135 0.67 12.65 10.38
N GLN B 136 1.42 13.73 10.54
CA GLN B 136 2.58 13.73 11.44
C GLN B 136 2.25 14.42 12.77
N THR B 137 0.98 14.46 13.15
CA THR B 137 0.61 15.15 14.40
C THR B 137 1.13 14.40 15.64
N LEU B 138 1.37 15.15 16.71
CA LEU B 138 1.75 14.55 17.99
C LEU B 138 0.71 13.57 18.45
N THR B 139 1.15 12.40 18.91
CA THR B 139 0.23 11.37 19.36
C THR B 139 0.27 11.16 20.88
N SER B 140 1.04 12.01 21.57
CA SER B 140 1.07 12.09 23.02
C SER B 140 1.15 13.56 23.36
N PRO B 141 0.66 13.95 24.56
CA PRO B 141 1.07 15.26 25.08
C PRO B 141 2.56 15.14 25.40
N ILE B 142 3.31 16.22 25.23
CA ILE B 142 4.71 16.27 25.66
C ILE B 142 4.91 17.47 26.56
N ARG B 143 5.94 17.44 27.43
CA ARG B 143 6.22 18.56 28.28
C ARG B 143 6.56 19.76 27.38
N LEU B 144 5.97 20.97 27.66
CA LEU B 144 6.28 22.21 26.91
C LEU B 144 7.56 22.74 27.50
N GLU B 145 8.64 22.09 27.11
CA GLU B 145 9.99 22.30 27.65
C GLU B 145 11.06 22.14 26.59
N ALA B 146 11.78 23.22 26.31
CA ALA B 146 12.83 23.22 25.30
C ALA B 146 14.04 22.42 25.74
N GLY B 147 14.56 21.60 24.84
CA GLY B 147 15.80 20.86 25.07
C GLY B 147 15.78 19.36 24.87
N PRO B 148 15.09 18.63 25.77
CA PRO B 148 15.14 17.17 25.79
C PRO B 148 14.36 16.45 24.67
N VAL B 149 14.93 15.35 24.18
CA VAL B 149 14.18 14.44 23.32
C VAL B 149 13.13 13.74 24.18
N GLN B 150 11.89 13.75 23.70
CA GLN B 150 10.78 13.17 24.46
C GLN B 150 10.14 12.04 23.66
N GLN B 151 9.83 10.93 24.34
CA GLN B 151 9.17 9.80 23.70
C GLN B 151 7.68 10.10 23.53
N THR B 152 7.08 9.50 22.49
CA THR B 152 5.64 9.53 22.29
C THR B 152 5.12 8.11 22.04
N ARG B 153 3.82 7.96 21.79
CA ARG B 153 3.22 6.69 21.36
C ARG B 153 3.83 6.18 20.06
N HIS B 154 4.46 7.09 19.31
CA HIS B 154 5.07 6.75 18.02
C HIS B 154 6.55 7.18 18.07
N GLU B 155 6.94 8.17 17.28
CA GLU B 155 8.35 8.58 17.17
C GLU B 155 8.74 9.57 18.28
N PRO B 156 10.06 9.69 18.55
CA PRO B 156 10.52 10.76 19.42
C PRO B 156 10.23 12.15 18.83
N TYR B 157 9.93 13.10 19.70
CA TYR B 157 9.74 14.50 19.31
C TYR B 157 10.62 15.33 20.22
N ARG B 158 10.89 16.57 19.80
CA ARG B 158 11.76 17.45 20.57
C ARG B 158 11.40 18.91 20.35
N LEU B 159 11.26 19.63 21.46
CA LEU B 159 11.14 21.07 21.41
C LEU B 159 12.51 21.72 21.62
N THR B 160 12.79 22.74 20.84
CA THR B 160 13.96 23.59 21.11
C THR B 160 13.50 25.03 21.04
N ARG B 161 14.32 25.94 21.55
CA ARG B 161 13.91 27.34 21.66
C ARG B 161 15.07 28.27 21.33
N HIS B 162 14.77 29.31 20.58
CA HIS B 162 15.70 30.41 20.34
C HIS B 162 14.92 31.69 20.61
N GLY B 163 15.22 32.33 21.74
CA GLY B 163 14.38 33.42 22.24
C GLY B 163 13.06 32.84 22.70
N ASP B 164 11.96 33.45 22.30
CA ASP B 164 10.66 32.86 22.63
C ASP B 164 10.12 31.99 21.51
N ASP B 165 10.85 31.88 20.41
CA ASP B 165 10.42 30.98 19.35
C ASP B 165 10.82 29.53 19.58
N HIS B 166 9.81 28.70 19.81
CA HIS B 166 10.01 27.27 19.96
C HIS B 166 9.89 26.60 18.60
N THR B 167 10.64 25.53 18.41
CA THR B 167 10.49 24.69 17.23
C THR B 167 10.14 23.28 17.70
N LEU B 168 9.04 22.73 17.18
CA LEU B 168 8.77 21.30 17.39
C LEU B 168 9.34 20.51 16.23
N ALA B 169 10.10 19.46 16.55
CA ALA B 169 10.66 18.54 15.55
C ALA B 169 10.26 17.12 15.89
N ALA B 170 10.14 16.29 14.85
CA ALA B 170 9.87 14.87 15.00
C ALA B 170 11.00 14.09 14.33
N GLN B 171 11.35 12.96 14.93
CA GLN B 171 12.33 12.06 14.30
C GLN B 171 11.58 11.10 13.40
N VAL B 172 11.51 11.46 12.13
CA VAL B 172 10.67 10.76 11.16
C VAL B 172 11.54 9.77 10.40
N ARG B 173 11.25 8.49 10.59
CA ARG B 173 12.06 7.40 10.02
C ARG B 173 13.56 7.71 10.15
N GLY B 174 13.98 7.96 11.39
CA GLY B 174 15.40 8.18 11.71
C GLY B 174 15.99 9.57 11.47
N GLU B 175 15.19 10.48 10.89
CA GLU B 175 15.69 11.81 10.56
C GLU B 175 14.89 12.88 11.29
N TRP B 176 15.59 13.73 12.06
CA TRP B 176 14.93 14.87 12.71
C TRP B 176 14.42 15.88 11.68
N GLN B 177 13.12 16.18 11.77
CA GLN B 177 12.43 17.08 10.85
C GLN B 177 11.72 18.17 11.64
N PRO B 178 12.15 19.44 11.49
CA PRO B 178 11.34 20.52 12.09
C PRO B 178 9.95 20.56 11.47
N LEU B 179 8.93 20.65 12.32
CA LEU B 179 7.53 20.71 11.86
C LEU B 179 6.97 22.13 11.83
N TYR B 180 7.10 22.83 12.96
CA TYR B 180 6.59 24.19 13.05
C TYR B 180 7.25 24.92 14.17
N THR B 181 7.17 26.24 14.09
CA THR B 181 7.63 27.12 15.18
C THR B 181 6.43 27.79 15.83
N PHE B 182 6.57 28.18 17.09
CA PHE B 182 5.50 28.85 17.81
C PHE B 182 6.05 29.61 18.99
N THR B 183 5.28 30.60 19.45
CA THR B 183 5.58 31.27 20.70
C THR B 183 4.52 30.87 21.72
N THR B 184 4.80 31.11 22.99
CA THR B 184 3.85 30.74 24.03
C THR B 184 2.88 31.87 24.40
N GLU B 185 2.80 32.90 23.56
CA GLU B 185 1.82 33.98 23.78
C GLU B 185 0.40 33.46 23.56
N PRO B 186 -0.44 33.49 24.61
CA PRO B 186 -1.81 32.99 24.41
C PRO B 186 -2.56 33.85 23.41
N ARG B 187 -3.32 33.18 22.53
CA ARG B 187 -4.06 33.88 21.48
C ARG B 187 -5.55 33.93 21.75
N PRO B 188 -6.17 35.08 21.49
CA PRO B 188 -7.62 35.16 21.59
C PRO B 188 -8.26 34.45 20.40
N ARG B 189 -9.50 34.01 20.57
CA ARG B 189 -10.18 33.29 19.49
C ARG B 189 -10.19 34.08 18.17
N ILE B 190 -10.46 35.38 18.22
CA ILE B 190 -10.50 36.14 16.98
C ILE B 190 -9.20 36.06 16.15
N ASP B 191 -8.04 36.02 16.82
CA ASP B 191 -6.77 36.00 16.09
C ASP B 191 -6.61 34.64 15.41
N LEU B 192 -7.13 33.60 16.06
CA LEU B 192 -7.14 32.27 15.44
C LEU B 192 -8.11 32.23 14.24
N GLU B 193 -9.24 32.91 14.39
CA GLU B 193 -10.23 32.96 13.32
C GLU B 193 -9.72 33.71 12.09
N VAL B 194 -8.90 34.74 12.31
CA VAL B 194 -8.31 35.47 11.19
C VAL B 194 -7.34 34.53 10.46
N GLY B 195 -6.57 33.74 11.22
CA GLY B 195 -5.65 32.78 10.62
C GLY B 195 -6.40 31.74 9.82
N SER B 196 -7.44 31.19 10.44
CA SER B 196 -8.24 30.17 9.78
C SER B 196 -8.93 30.72 8.53
N TRP B 197 -9.36 31.99 8.59
CA TRP B 197 -9.90 32.61 7.37
C TRP B 197 -8.85 32.55 6.23
N TYR B 198 -7.62 32.94 6.52
CA TYR B 198 -6.55 32.90 5.54
C TYR B 198 -6.32 31.50 5.00
N VAL B 199 -6.15 30.55 5.90
CA VAL B 199 -5.81 29.17 5.49
C VAL B 199 -6.94 28.52 4.67
N SER B 200 -8.19 28.91 4.97
CA SER B 200 -9.34 28.27 4.33
C SER B 200 -9.87 29.01 3.13
N THR B 201 -9.33 30.20 2.84
CA THR B 201 -9.82 30.97 1.67
C THR B 201 -8.75 31.52 0.73
N HIS B 202 -7.49 31.64 1.15
CA HIS B 202 -6.48 32.16 0.21
C HIS B 202 -6.29 31.15 -0.96
N PRO B 203 -6.37 31.63 -2.21
CA PRO B 203 -6.33 30.70 -3.35
C PRO B 203 -5.02 29.93 -3.50
N GLY B 204 -3.96 30.37 -2.84
CA GLY B 204 -2.70 29.66 -2.87
C GLY B 204 -2.51 28.70 -1.69
N SER B 205 -3.48 28.67 -0.77
CA SER B 205 -3.35 27.85 0.42
C SER B 205 -3.33 26.37 0.05
N HIS B 206 -2.43 25.62 0.66
CA HIS B 206 -2.36 24.16 0.49
C HIS B 206 -3.73 23.50 0.72
N PHE B 207 -4.53 24.10 1.61
CA PHE B 207 -5.80 23.52 2.00
C PHE B 207 -6.98 24.03 1.19
N VAL B 208 -6.67 24.85 0.18
CA VAL B 208 -7.65 25.30 -0.79
C VAL B 208 -7.38 24.64 -2.16
N THR B 209 -6.11 24.40 -2.47
CA THR B 209 -5.73 23.91 -3.80
C THR B 209 -5.85 22.40 -4.00
N GLY B 210 -6.07 21.66 -2.92
CA GLY B 210 -6.14 20.19 -3.00
C GLY B 210 -6.80 19.61 -1.78
N LEU B 211 -6.79 18.28 -1.72
CA LEU B 211 -7.47 17.52 -0.69
C LEU B 211 -6.45 16.86 0.23
N THR B 212 -6.60 17.08 1.53
CA THR B 212 -5.73 16.46 2.52
C THR B 212 -6.61 15.77 3.56
N VAL B 213 -6.38 14.47 3.75
CA VAL B 213 -7.12 13.70 4.77
C VAL B 213 -6.09 12.86 5.52
N ALA B 214 -6.20 12.78 6.85
CA ALA B 214 -5.22 12.01 7.61
C ALA B 214 -5.85 11.41 8.86
N VAL B 215 -5.25 10.33 9.35
CA VAL B 215 -5.64 9.77 10.64
C VAL B 215 -4.43 9.02 11.18
N VAL B 216 -4.38 8.84 12.50
CA VAL B 216 -3.28 8.09 13.10
C VAL B 216 -3.80 7.02 14.06
N THR B 217 -3.42 5.78 13.77
CA THR B 217 -3.78 4.64 14.61
C THR B 217 -2.57 4.26 15.44
N ASP B 218 -2.74 3.28 16.33
CA ASP B 218 -1.61 2.82 17.15
C ASP B 218 -0.45 2.35 16.28
N ASP B 219 -0.76 1.78 15.12
CA ASP B 219 0.24 1.11 14.29
C ASP B 219 0.73 1.93 13.10
N ALA B 220 -0.04 2.95 12.69
CA ALA B 220 0.31 3.62 11.44
C ALA B 220 -0.17 5.05 11.36
N ARG B 221 0.55 5.84 10.57
CA ARG B 221 0.13 7.18 10.20
C ARG B 221 -0.32 7.16 8.73
N TYR B 222 -1.48 7.76 8.47
CA TYR B 222 -2.08 7.79 7.14
C TYR B 222 -2.19 9.21 6.68
N ASN B 223 -1.70 9.50 5.48
CA ASN B 223 -1.86 10.84 4.94
C ASN B 223 -2.18 10.79 3.46
N LEU B 224 -3.36 11.30 3.12
CA LEU B 224 -3.86 11.36 1.76
C LEU B 224 -3.72 12.76 1.21
N ARG B 225 -3.09 12.90 0.06
CA ARG B 225 -3.13 14.13 -0.72
C ARG B 225 -3.67 13.79 -2.09
N GLY B 226 -4.82 14.33 -2.46
CA GLY B 226 -5.45 14.00 -3.74
C GLY B 226 -5.67 12.50 -3.85
N ARG B 227 -5.14 11.89 -4.91
CA ARG B 227 -5.30 10.45 -5.14
C ARG B 227 -4.30 9.57 -4.39
N ASN B 228 -3.34 10.22 -3.72
CA ASN B 228 -2.17 9.53 -3.18
C ASN B 228 -2.21 9.38 -1.66
N LEU B 229 -2.36 8.16 -1.20
CA LEU B 229 -2.34 7.84 0.22
C LEU B 229 -0.98 7.29 0.65
N ALA B 230 -0.30 7.99 1.56
CA ALA B 230 0.94 7.52 2.17
C ALA B 230 0.66 6.92 3.54
N VAL B 231 1.33 5.81 3.83
CA VAL B 231 1.21 5.13 5.10
C VAL B 231 2.63 4.94 5.64
N HIS B 232 2.86 5.37 6.87
CA HIS B 232 4.12 5.07 7.56
C HIS B 232 3.80 4.10 8.68
N ARG B 233 4.45 2.94 8.66
CA ARG B 233 4.31 1.97 9.73
C ARG B 233 5.68 1.37 10.07
N SER B 234 5.71 0.50 11.07
CA SER B 234 6.97 -0.10 11.49
C SER B 234 7.54 -0.98 10.38
N GLY B 235 8.70 -0.60 9.89
CA GLY B 235 9.44 -1.41 8.91
C GLY B 235 9.10 -1.16 7.45
N ALA B 236 8.09 -0.33 7.18
CA ALA B 236 7.66 -0.10 5.81
C ALA B 236 6.99 1.26 5.60
N THR B 237 7.08 1.77 4.38
CA THR B 237 6.21 2.86 3.92
C THR B 237 5.31 2.28 2.82
N GLU B 238 4.13 2.86 2.67
CA GLU B 238 3.24 2.47 1.58
C GLU B 238 2.80 3.72 0.83
N HIS B 239 2.61 3.56 -0.46
CA HIS B 239 2.00 4.58 -1.30
C HIS B 239 0.88 3.92 -2.09
N ILE B 240 -0.36 4.30 -1.78
CA ILE B 240 -1.54 3.80 -2.49
C ILE B 240 -2.01 4.90 -3.44
N ARG B 241 -2.14 4.54 -4.71
CA ARG B 241 -2.62 5.48 -5.73
C ARG B 241 -4.01 5.09 -6.18
N PHE B 242 -4.98 5.94 -5.87
CA PHE B 242 -6.36 5.71 -6.29
C PHE B 242 -6.60 6.07 -7.75
N ASP B 243 -7.42 5.28 -8.43
CA ASP B 243 -7.62 5.47 -9.86
C ASP B 243 -8.31 6.79 -10.18
N SER B 244 -9.30 7.14 -9.36
CA SER B 244 -10.20 8.25 -9.66
C SER B 244 -10.84 8.76 -8.38
N ALA B 245 -11.63 9.82 -8.49
CA ALA B 245 -12.36 10.36 -7.34
C ALA B 245 -13.29 9.37 -6.67
N ALA B 246 -13.85 8.43 -7.45
CA ALA B 246 -14.74 7.45 -6.88
C ALA B 246 -14.08 6.65 -5.75
N GLN B 247 -12.86 6.21 -5.99
CA GLN B 247 -12.14 5.42 -4.98
C GLN B 247 -11.69 6.32 -3.83
N VAL B 248 -11.34 7.57 -4.14
CA VAL B 248 -10.97 8.51 -3.08
C VAL B 248 -12.15 8.78 -2.14
N LEU B 249 -13.34 9.00 -2.70
CA LEU B 249 -14.54 9.17 -1.88
C LEU B 249 -14.84 7.91 -1.07
N ASP B 250 -14.62 6.75 -1.67
CA ASP B 250 -14.80 5.49 -0.96
C ASP B 250 -13.90 5.46 0.28
N ALA B 251 -12.64 5.85 0.10
CA ALA B 251 -11.70 5.88 1.21
C ALA B 251 -12.10 6.92 2.26
N ILE B 252 -12.51 8.09 1.82
CA ILE B 252 -12.98 9.14 2.74
C ILE B 252 -14.08 8.62 3.65
N VAL B 253 -15.09 7.96 3.07
CA VAL B 253 -16.26 7.51 3.80
C VAL B 253 -15.98 6.24 4.62
N ASN B 254 -15.35 5.26 3.99
CA ASN B 254 -15.28 3.91 4.56
C ASN B 254 -13.99 3.59 5.32
N ARG B 255 -12.91 4.26 4.98
CA ARG B 255 -11.63 4.07 5.66
C ARG B 255 -11.41 5.18 6.70
N PHE B 256 -11.66 6.42 6.29
CA PHE B 256 -11.50 7.56 7.19
C PHE B 256 -12.74 7.87 8.02
N GLY B 257 -13.88 7.27 7.68
CA GLY B 257 -15.10 7.39 8.47
C GLY B 257 -15.78 8.74 8.45
N ILE B 258 -15.63 9.49 7.36
CA ILE B 258 -16.22 10.81 7.25
C ILE B 258 -17.62 10.74 6.65
N ASP B 259 -18.57 11.32 7.36
CA ASP B 259 -19.94 11.40 6.88
C ASP B 259 -20.07 12.62 5.96
N LEU B 260 -20.36 12.36 4.70
CA LEU B 260 -20.46 13.41 3.69
C LEU B 260 -21.88 13.95 3.55
N GLY B 261 -22.77 13.50 4.43
CA GLY B 261 -24.19 13.89 4.44
C GLY B 261 -24.44 15.39 4.45
N ASP B 262 -23.66 16.13 5.25
CA ASP B 262 -23.82 17.59 5.36
C ASP B 262 -23.33 18.32 4.10
N LEU B 263 -22.70 17.57 3.20
CA LEU B 263 -22.22 18.12 1.92
C LEU B 263 -23.12 17.73 0.74
N ALA B 264 -24.28 17.13 1.02
CA ALA B 264 -25.25 16.77 -0.01
C ALA B 264 -25.59 17.98 -0.88
N GLY B 265 -25.52 17.78 -2.20
CA GLY B 265 -25.84 18.83 -3.16
C GLY B 265 -24.69 19.70 -3.64
N ARG B 266 -23.45 19.34 -3.27
CA ARG B 266 -22.28 20.16 -3.61
C ARG B 266 -21.30 19.50 -4.60
N ASP B 267 -21.72 18.38 -5.19
CA ASP B 267 -20.90 17.56 -6.08
C ASP B 267 -19.46 17.39 -5.58
N VAL B 268 -19.33 16.72 -4.44
CA VAL B 268 -18.02 16.45 -3.86
C VAL B 268 -17.13 15.67 -4.84
N GLN B 269 -17.70 14.70 -5.56
CA GLN B 269 -16.89 13.87 -6.44
C GLN B 269 -16.22 14.65 -7.57
N ALA B 270 -16.94 15.58 -8.19
CA ALA B 270 -16.36 16.38 -9.27
C ALA B 270 -15.25 17.31 -8.78
N ARG B 271 -15.40 17.88 -7.59
CA ARG B 271 -14.38 18.73 -7.03
C ARG B 271 -13.13 17.93 -6.67
N VAL B 272 -13.32 16.78 -6.05
CA VAL B 272 -12.20 15.88 -5.75
C VAL B 272 -11.50 15.46 -7.02
N ALA B 273 -12.29 15.16 -8.07
CA ALA B 273 -11.72 14.82 -9.37
C ALA B 273 -10.75 15.90 -9.87
N GLU B 274 -11.10 17.16 -9.62
CA GLU B 274 -10.26 18.29 -10.08
C GLU B 274 -8.89 18.36 -9.40
N VAL B 275 -8.79 17.77 -8.22
CA VAL B 275 -7.58 17.96 -7.42
C VAL B 275 -6.85 16.65 -7.10
N LEU B 276 -7.07 15.61 -7.90
CA LEU B 276 -6.39 14.34 -7.66
C LEU B 276 -4.86 14.49 -7.68
N ASP B 277 -4.36 15.41 -8.51
CA ASP B 277 -2.93 15.55 -8.73
C ASP B 277 -2.36 16.90 -8.30
N THR B 278 -3.12 17.62 -7.47
CA THR B 278 -2.69 18.93 -6.97
C THR B 278 -2.35 18.89 -5.47
#